data_8V4F
#
_entry.id   8V4F
#
_cell.length_a   1.00
_cell.length_b   1.00
_cell.length_c   1.00
_cell.angle_alpha   90.00
_cell.angle_beta   90.00
_cell.angle_gamma   90.00
#
_symmetry.space_group_name_H-M   'P 1'
#
loop_
_entity.id
_entity.type
_entity.pdbx_description
1 polymer 'CAB-A17 variable heavy-chain'
2 polymer 'CAB-A17 variable light chain'
3 polymer 'Spike protein S1'
#
loop_
_entity_poly.entity_id
_entity_poly.type
_entity_poly.pdbx_seq_one_letter_code
_entity_poly.pdbx_strand_id
1 'polypeptide(L)'
;DVHLVESGGGLIQPGGSLRLSCAASEFIVSANYMSWVRQAPGEGLQWVSVIYPGGSTFYAESVKGRFTISRDNSRNTLYL
QMNSLRAEDTGVYYCARDYGDFYFDYWGQGTLVTVSS
;
B
2 'polypeptide(L)'
;EIVLTQSPGTLSLSPGERASLSCRASQSLSTYLAWYQQKPGQAPRLLIFGASSRASGIPDRFSGGGSGTDFTLTISRLEP
EDFAVYYCQQYGSSPRTFGQGTKVEI
;
D
3 'polypeptide(L)'
;NLCPFDEVFNATRFASVYAWNRKRISNCVADYSVLYNLAPFFTFKCYGVSPTKLNDLCFTNVYADSFVIRGDEVRQIAPG
QTGNIADYNYKLPDDFTGCVIAWNSNKLDSKVSGNYNYLYRLFRKSNLKPFERDISTEIYQAGNKPCNGVAGFNCYFPLR
SYSFRPTYGVGHQPYRVVVLSFELLHAPATVCG
;
A
#
# COMPACT_ATOMS: atom_id res chain seq x y z
N ASP A 1 8.28 16.35 19.80
CA ASP A 1 7.78 17.30 18.82
C ASP A 1 7.20 16.56 17.61
N VAL A 2 6.33 15.59 17.87
CA VAL A 2 5.82 14.68 16.85
C VAL A 2 4.49 15.25 16.34
N HIS A 3 4.17 16.47 16.78
CA HIS A 3 2.86 17.07 16.56
C HIS A 3 2.57 17.35 15.09
N LEU A 4 1.31 17.18 14.71
CA LEU A 4 0.78 17.62 13.43
C LEU A 4 -0.35 18.61 13.72
N VAL A 5 -0.27 19.79 13.11
CA VAL A 5 -1.21 20.88 13.37
C VAL A 5 -1.92 21.23 12.07
N GLU A 6 -3.25 21.17 12.09
CA GLU A 6 -4.06 21.48 10.91
C GLU A 6 -4.72 22.84 11.05
N SER A 7 -4.96 23.47 9.89
CA SER A 7 -5.58 24.79 9.83
C SER A 7 -6.19 24.96 8.45
N GLY A 8 -7.02 25.99 8.30
CA GLY A 8 -7.66 26.29 7.05
C GLY A 8 -9.13 25.91 6.95
N GLY A 9 -9.64 25.11 7.88
CA GLY A 9 -11.05 24.77 7.86
C GLY A 9 -11.93 25.96 8.21
N GLY A 10 -13.18 25.86 7.79
CA GLY A 10 -14.13 26.93 8.02
C GLY A 10 -15.38 26.73 7.19
N LEU A 11 -16.28 27.70 7.30
CA LEU A 11 -17.52 27.66 6.54
C LEU A 11 -17.27 28.00 5.08
N ILE A 12 -17.93 27.26 4.20
CA ILE A 12 -17.80 27.46 2.76
C ILE A 12 -19.15 27.16 2.10
N GLN A 13 -19.59 28.08 1.25
CA GLN A 13 -20.79 27.88 0.48
C GLN A 13 -20.52 26.76 -0.52
N PRO A 14 -21.52 25.91 -0.83
CA PRO A 14 -21.27 24.76 -1.73
C PRO A 14 -20.80 25.18 -3.11
N GLY A 15 -19.91 24.37 -3.68
CA GLY A 15 -19.24 24.71 -4.91
C GLY A 15 -18.04 25.61 -4.72
N GLY A 16 -17.83 26.14 -3.52
CA GLY A 16 -16.67 26.93 -3.21
C GLY A 16 -15.43 26.08 -3.00
N SER A 17 -14.29 26.75 -2.89
CA SER A 17 -13.01 26.09 -2.74
C SER A 17 -12.39 26.45 -1.41
N LEU A 18 -11.71 25.48 -0.81
CA LEU A 18 -11.04 25.68 0.47
C LEU A 18 -9.74 24.90 0.47
N ARG A 19 -8.70 25.48 1.06
CA ARG A 19 -7.40 24.82 1.16
C ARG A 19 -7.07 24.52 2.61
N LEU A 20 -6.73 23.27 2.90
CA LEU A 20 -6.32 22.84 4.22
C LEU A 20 -4.81 22.68 4.28
N SER A 21 -4.21 23.12 5.39
CA SER A 21 -2.78 23.01 5.62
C SER A 21 -2.52 22.12 6.83
N CYS A 22 -1.47 21.31 6.74
CA CYS A 22 -1.00 20.50 7.86
C CYS A 22 0.47 20.77 8.06
N ALA A 23 0.80 21.52 9.11
CA ALA A 23 2.20 21.81 9.46
C ALA A 23 2.74 20.70 10.34
N ALA A 24 3.89 20.16 9.98
CA ALA A 24 4.48 19.02 10.66
C ALA A 24 5.77 19.40 11.36
N SER A 25 5.98 18.82 12.54
CA SER A 25 7.22 18.94 13.29
C SER A 25 7.80 17.55 13.47
N GLU A 26 9.14 17.45 13.37
CA GLU A 26 9.93 16.21 13.42
C GLU A 26 9.50 15.18 12.37
N PHE A 27 8.71 15.57 11.39
CA PHE A 27 8.34 14.70 10.29
C PHE A 27 8.76 15.40 9.02
N ILE A 28 9.41 14.67 8.13
CA ILE A 28 9.75 15.19 6.82
C ILE A 28 8.66 14.71 5.87
N VAL A 29 7.78 15.64 5.49
CA VAL A 29 6.62 15.34 4.65
C VAL A 29 7.08 14.82 3.30
N SER A 30 8.19 15.38 2.78
CA SER A 30 8.75 14.90 1.52
C SER A 30 9.26 13.47 1.61
N ALA A 31 9.57 12.98 2.81
CA ALA A 31 10.10 11.64 3.00
C ALA A 31 9.10 10.71 3.68
N ASN A 32 7.81 11.03 3.66
CA ASN A 32 6.85 10.22 4.39
C ASN A 32 5.57 10.07 3.59
N TYR A 33 4.85 8.98 3.86
CA TYR A 33 3.55 8.75 3.24
C TYR A 33 2.52 9.54 4.04
N MET A 34 1.95 10.58 3.45
CA MET A 34 1.01 11.44 4.17
C MET A 34 -0.41 11.14 3.70
N SER A 35 -1.36 11.22 4.63
CA SER A 35 -2.75 10.91 4.33
C SER A 35 -3.68 12.00 4.86
N TRP A 36 -4.79 12.20 4.17
CA TRP A 36 -5.92 12.98 4.67
C TRP A 36 -7.08 12.02 4.91
N VAL A 37 -7.61 12.03 6.13
CA VAL A 37 -8.75 11.20 6.53
C VAL A 37 -9.80 12.11 7.15
N ARG A 38 -11.06 11.96 6.73
CA ARG A 38 -12.13 12.81 7.22
C ARG A 38 -13.15 11.99 8.00
N GLN A 39 -13.84 12.67 8.91
CA GLN A 39 -14.90 12.06 9.70
C GLN A 39 -16.12 12.96 9.66
N ALA A 40 -17.21 12.44 9.11
CA ALA A 40 -18.49 13.13 9.17
C ALA A 40 -18.99 13.13 10.61
N PRO A 41 -19.76 14.15 11.01
CA PRO A 41 -20.25 14.23 12.41
C PRO A 41 -21.09 13.03 12.81
N GLY A 42 -20.61 12.32 13.83
CA GLY A 42 -21.26 11.12 14.32
C GLY A 42 -21.28 9.98 13.31
N GLU A 43 -20.17 9.80 12.58
CA GLU A 43 -20.07 8.77 11.56
C GLU A 43 -18.68 8.15 11.62
N GLY A 44 -18.46 7.16 10.76
CA GLY A 44 -17.18 6.48 10.70
C GLY A 44 -16.13 7.26 9.93
N LEU A 45 -14.89 6.80 10.05
CA LEU A 45 -13.80 7.41 9.32
C LEU A 45 -13.86 7.03 7.84
N GLN A 46 -13.29 7.89 7.00
CA GLN A 46 -13.26 7.62 5.56
C GLN A 46 -12.00 8.26 5.00
N TRP A 47 -11.05 7.44 4.56
CA TRP A 47 -9.82 7.91 3.94
C TRP A 47 -10.11 8.73 2.70
N VAL A 48 -9.45 9.89 2.58
CA VAL A 48 -9.69 10.80 1.45
C VAL A 48 -8.59 10.70 0.41
N SER A 49 -7.34 10.87 0.82
CA SER A 49 -6.24 10.90 -0.14
C SER A 49 -4.94 10.52 0.53
N VAL A 50 -3.96 10.15 -0.29
CA VAL A 50 -2.63 9.77 0.18
C VAL A 50 -1.61 10.27 -0.84
N ILE A 51 -0.49 10.78 -0.35
CA ILE A 51 0.63 11.13 -1.22
C ILE A 51 1.86 10.32 -0.79
N TYR A 52 2.52 9.72 -1.78
CA TYR A 52 3.70 8.91 -1.53
C TYR A 52 4.94 9.80 -1.41
N PRO A 53 6.03 9.30 -0.81
CA PRO A 53 7.29 10.07 -0.81
C PRO A 53 7.83 10.39 -2.19
N GLY A 54 7.66 9.48 -3.15
CA GLY A 54 8.09 9.73 -4.52
C GLY A 54 7.29 10.80 -5.22
N GLY A 55 6.07 11.03 -4.79
CA GLY A 55 5.20 12.06 -5.35
C GLY A 55 3.89 11.56 -5.89
N SER A 56 3.67 10.25 -5.95
CA SER A 56 2.42 9.71 -6.45
C SER A 56 1.26 10.01 -5.51
N THR A 57 0.11 10.33 -6.09
CA THR A 57 -1.07 10.71 -5.34
C THR A 57 -2.23 9.80 -5.71
N PHE A 58 -3.00 9.39 -4.71
CA PHE A 58 -4.23 8.65 -4.91
C PHE A 58 -5.33 9.24 -4.07
N TYR A 59 -6.56 9.10 -4.54
CA TYR A 59 -7.72 9.70 -3.91
C TYR A 59 -8.84 8.68 -3.84
N ALA A 60 -9.73 8.88 -2.87
CA ALA A 60 -10.95 8.09 -2.77
C ALA A 60 -11.85 8.37 -3.97
N GLU A 61 -12.68 7.36 -4.31
CA GLU A 61 -13.52 7.43 -5.50
C GLU A 61 -14.54 8.57 -5.46
N SER A 62 -14.90 9.05 -4.27
CA SER A 62 -15.88 10.11 -4.16
C SER A 62 -15.26 11.49 -4.33
N VAL A 63 -13.94 11.60 -4.29
CA VAL A 63 -13.26 12.90 -4.25
C VAL A 63 -12.24 13.10 -5.37
N LYS A 64 -12.02 12.13 -6.26
CA LYS A 64 -11.10 12.38 -7.36
C LYS A 64 -11.67 13.40 -8.35
N GLY A 65 -10.77 14.19 -8.92
CA GLY A 65 -11.11 15.25 -9.85
C GLY A 65 -11.56 16.54 -9.21
N ARG A 66 -11.76 16.56 -7.90
CA ARG A 66 -12.16 17.76 -7.20
C ARG A 66 -11.23 18.05 -6.03
N PHE A 67 -10.59 17.02 -5.48
CA PHE A 67 -9.64 17.16 -4.38
C PHE A 67 -8.24 16.92 -4.91
N THR A 68 -7.30 17.78 -4.57
CA THR A 68 -5.89 17.62 -4.94
C THR A 68 -5.00 17.72 -3.71
N ILE A 69 -4.16 16.71 -3.49
CA ILE A 69 -3.20 16.69 -2.39
C ILE A 69 -1.85 17.18 -2.91
N SER A 70 -1.16 17.96 -2.09
CA SER A 70 0.14 18.50 -2.46
C SER A 70 1.01 18.64 -1.21
N ARG A 71 2.30 18.87 -1.44
CA ARG A 71 3.27 19.08 -0.37
C ARG A 71 4.17 20.25 -0.72
N ASP A 72 4.62 20.96 0.32
CA ASP A 72 5.66 21.95 0.18
C ASP A 72 6.80 21.57 1.13
N ASN A 73 7.95 21.22 0.56
CA ASN A 73 9.09 20.79 1.37
C ASN A 73 9.71 21.94 2.14
N SER A 74 9.59 23.17 1.64
CA SER A 74 10.25 24.32 2.24
C SER A 74 9.74 24.61 3.64
N ARG A 75 8.42 24.71 3.80
CA ARG A 75 7.83 24.92 5.11
C ARG A 75 7.32 23.64 5.76
N ASN A 76 7.63 22.48 5.15
CA ASN A 76 7.30 21.13 5.66
C ASN A 76 5.80 21.01 5.93
N THR A 77 5.00 21.42 4.95
CA THR A 77 3.56 21.47 5.09
C THR A 77 2.91 20.51 4.10
N LEU A 78 1.76 19.97 4.49
CA LEU A 78 0.93 19.15 3.63
C LEU A 78 -0.35 19.91 3.32
N TYR A 79 -0.60 20.14 2.04
CA TYR A 79 -1.74 20.93 1.60
C TYR A 79 -2.79 20.05 0.95
N LEU A 80 -4.05 20.44 1.10
CA LEU A 80 -5.17 19.77 0.44
C LEU A 80 -6.09 20.84 -0.14
N GLN A 81 -6.16 20.91 -1.46
CA GLN A 81 -7.03 21.85 -2.14
C GLN A 81 -8.28 21.12 -2.60
N MET A 82 -9.43 21.53 -2.07
CA MET A 82 -10.71 20.93 -2.43
C MET A 82 -11.55 21.95 -3.16
N ASN A 83 -11.87 21.66 -4.42
CA ASN A 83 -12.70 22.53 -5.24
C ASN A 83 -14.05 21.85 -5.49
N SER A 84 -15.04 22.67 -5.82
CA SER A 84 -16.44 22.28 -6.04
C SER A 84 -16.95 21.42 -4.90
N LEU A 85 -16.95 22.03 -3.71
CA LEU A 85 -17.31 21.31 -2.50
C LEU A 85 -18.81 21.08 -2.44
N ARG A 86 -19.20 19.83 -2.20
CA ARG A 86 -20.59 19.45 -2.00
C ARG A 86 -20.90 19.40 -0.51
N ALA A 87 -22.19 19.32 -0.20
CA ALA A 87 -22.66 19.30 1.18
C ALA A 87 -22.31 18.02 1.93
N GLU A 88 -21.92 16.95 1.23
CA GLU A 88 -21.54 15.71 1.91
C GLU A 88 -20.08 15.69 2.32
N ASP A 89 -19.33 16.75 2.02
CA ASP A 89 -17.93 16.86 2.41
C ASP A 89 -17.74 17.44 3.80
N THR A 90 -18.83 17.83 4.47
CA THR A 90 -18.75 18.40 5.81
C THR A 90 -18.20 17.37 6.80
N GLY A 91 -17.32 17.82 7.68
CA GLY A 91 -16.78 16.96 8.70
C GLY A 91 -15.42 17.46 9.17
N VAL A 92 -14.80 16.67 10.03
CA VAL A 92 -13.49 16.99 10.60
C VAL A 92 -12.44 16.23 9.80
N TYR A 93 -11.45 16.95 9.27
CA TYR A 93 -10.39 16.38 8.47
C TYR A 93 -9.12 16.26 9.29
N TYR A 94 -8.40 15.15 9.12
CA TYR A 94 -7.17 14.88 9.83
C TYR A 94 -6.04 14.63 8.84
N CYS A 95 -4.85 15.16 9.13
CA CYS A 95 -3.65 14.75 8.42
C CYS A 95 -2.95 13.67 9.25
N ALA A 96 -2.54 12.60 8.58
CA ALA A 96 -2.05 11.41 9.27
C ALA A 96 -0.78 10.91 8.60
N ARG A 97 0.15 10.42 9.41
CA ARG A 97 1.31 9.70 8.90
C ARG A 97 0.96 8.24 8.65
N ASP A 98 0.81 7.88 7.38
CA ASP A 98 0.51 6.51 7.02
C ASP A 98 1.82 5.74 6.94
N TYR A 99 1.98 4.72 7.79
CA TYR A 99 3.15 3.84 7.67
C TYR A 99 3.00 3.07 6.37
N GLY A 100 3.84 3.39 5.39
CA GLY A 100 3.67 2.85 4.05
C GLY A 100 2.31 3.25 3.56
N ASP A 101 1.59 2.34 2.95
CA ASP A 101 0.22 2.65 2.58
C ASP A 101 -0.70 1.71 3.35
N PHE A 102 -0.34 1.45 4.61
CA PHE A 102 -1.07 0.48 5.43
C PHE A 102 -1.93 1.11 6.52
N TYR A 103 -1.36 1.88 7.44
CA TYR A 103 -2.12 2.34 8.59
C TYR A 103 -1.56 3.67 9.05
N PHE A 104 -2.41 4.45 9.73
CA PHE A 104 -2.00 5.81 10.16
C PHE A 104 -1.42 5.76 11.58
N ASP A 105 -0.10 5.84 11.69
CA ASP A 105 0.58 5.77 13.01
C ASP A 105 0.24 7.01 13.84
N TYR A 106 0.24 8.19 13.22
CA TYR A 106 0.00 9.45 13.99
C TYR A 106 -1.14 10.25 13.37
N TRP A 107 -1.84 11.03 14.20
CA TRP A 107 -2.96 11.84 13.73
C TRP A 107 -2.83 13.25 14.25
N GLY A 108 -3.25 14.23 13.44
CA GLY A 108 -3.34 15.60 13.89
C GLY A 108 -4.61 15.84 14.68
N GLN A 109 -4.72 17.06 15.23
CA GLN A 109 -5.86 17.40 16.08
C GLN A 109 -7.16 17.56 15.29
N GLY A 110 -7.09 17.73 13.98
CA GLY A 110 -8.28 17.86 13.16
C GLY A 110 -8.91 19.24 13.12
N THR A 111 -9.42 19.62 11.95
CA THR A 111 -10.11 20.89 11.78
C THR A 111 -11.43 20.65 11.04
N LEU A 112 -12.40 21.50 11.32
CA LEU A 112 -13.77 21.29 10.88
C LEU A 112 -14.05 22.10 9.62
N VAL A 113 -14.53 21.42 8.60
CA VAL A 113 -15.00 22.07 7.38
C VAL A 113 -16.51 21.87 7.30
N THR A 114 -17.25 22.98 7.26
CA THR A 114 -18.70 22.93 7.16
C THR A 114 -19.13 23.55 5.84
N VAL A 115 -19.85 22.77 5.03
CA VAL A 115 -20.31 23.21 3.72
C VAL A 115 -21.72 23.77 3.91
N SER A 116 -21.78 25.07 4.20
CA SER A 116 -23.00 25.86 4.46
C SER A 116 -23.86 25.27 5.55
N GLU B 1 -14.74 -2.52 -2.37
CA GLU B 1 -14.24 -2.09 -1.03
C GLU B 1 -14.64 -3.13 0.02
N ILE B 2 -13.67 -3.82 0.60
CA ILE B 2 -13.97 -4.81 1.68
C ILE B 2 -14.81 -4.09 2.74
N VAL B 3 -16.01 -4.62 3.02
CA VAL B 3 -16.89 -4.01 4.05
C VAL B 3 -16.51 -4.58 5.42
N LEU B 4 -16.22 -3.71 6.39
CA LEU B 4 -15.82 -4.17 7.75
C LEU B 4 -16.98 -3.97 8.72
N THR B 5 -17.63 -5.05 9.14
CA THR B 5 -18.75 -4.99 10.06
C THR B 5 -18.32 -5.43 11.45
N GLN B 6 -18.66 -4.61 12.43
CA GLN B 6 -18.37 -4.88 13.83
C GLN B 6 -19.65 -5.38 14.50
N SER B 7 -19.61 -6.62 14.98
CA SER B 7 -20.82 -7.30 15.46
C SER B 7 -21.52 -6.62 16.64
N PRO B 8 -20.85 -6.20 17.75
CA PRO B 8 -21.62 -5.45 18.76
C PRO B 8 -21.63 -3.96 18.47
N GLY B 9 -22.84 -3.39 18.32
CA GLY B 9 -22.95 -1.96 18.11
C GLY B 9 -22.49 -1.17 19.33
N THR B 10 -22.90 -1.60 20.51
CA THR B 10 -22.45 -1.03 21.77
C THR B 10 -22.14 -2.18 22.71
N LEU B 11 -21.20 -1.94 23.63
CA LEU B 11 -20.78 -2.97 24.55
C LEU B 11 -20.67 -2.33 25.93
N SER B 12 -21.46 -2.82 26.89
CA SER B 12 -21.64 -2.17 28.19
C SER B 12 -21.07 -2.99 29.34
N LEU B 13 -19.83 -2.68 29.76
CA LEU B 13 -19.19 -3.42 30.84
C LEU B 13 -18.82 -2.50 31.99
N SER B 14 -18.83 -3.07 33.19
CA SER B 14 -18.38 -2.39 34.38
C SER B 14 -16.86 -2.20 34.31
N PRO B 15 -16.28 -1.23 35.05
CA PRO B 15 -14.82 -1.08 35.04
C PRO B 15 -14.07 -2.19 35.79
N GLY B 16 -14.23 -3.43 35.35
CA GLY B 16 -13.61 -4.57 35.96
C GLY B 16 -12.57 -5.18 35.04
N GLU B 17 -12.78 -6.43 34.60
CA GLU B 17 -11.78 -7.07 33.73
C GLU B 17 -12.45 -8.05 32.75
N ARG B 18 -12.85 -7.51 31.59
CA ARG B 18 -13.26 -8.23 30.37
C ARG B 18 -13.58 -7.19 29.30
N ALA B 19 -13.41 -7.56 28.02
CA ALA B 19 -13.82 -6.85 26.81
C ALA B 19 -13.53 -7.73 25.61
N SER B 20 -14.38 -7.63 24.60
CA SER B 20 -14.18 -8.36 23.35
C SER B 20 -14.90 -7.62 22.24
N LEU B 21 -14.18 -7.24 21.20
CA LEU B 21 -14.74 -6.57 20.04
C LEU B 21 -14.36 -7.34 18.80
N SER B 22 -15.34 -7.64 17.95
CA SER B 22 -15.15 -8.47 16.77
C SER B 22 -15.34 -7.66 15.51
N CYS B 23 -14.45 -7.86 14.54
CA CYS B 23 -14.54 -7.24 13.23
C CYS B 23 -14.56 -8.35 12.19
N ARG B 24 -15.51 -8.27 11.26
CA ARG B 24 -15.68 -9.28 10.23
C ARG B 24 -15.60 -8.64 8.85
N ALA B 25 -14.85 -9.30 7.97
CA ALA B 25 -14.65 -8.85 6.60
C ALA B 25 -15.42 -9.72 5.63
N SER B 26 -15.87 -9.13 4.51
CA SER B 26 -16.63 -9.89 3.52
C SER B 26 -15.74 -10.91 2.81
N GLN B 27 -14.56 -10.47 2.36
CA GLN B 27 -13.53 -11.38 1.89
C GLN B 27 -12.26 -11.18 2.71
N SER B 28 -11.37 -12.18 2.63
CA SER B 28 -10.24 -12.31 3.55
C SER B 28 -9.24 -11.16 3.43
N LEU B 29 -8.71 -10.75 4.58
CA LEU B 29 -7.72 -9.70 4.70
C LEU B 29 -6.32 -10.21 4.99
N SER B 30 -6.20 -11.38 5.63
CA SER B 30 -4.94 -12.06 5.96
C SER B 30 -4.02 -11.19 6.82
N THR B 31 -4.51 -10.89 8.04
CA THR B 31 -3.81 -10.14 9.08
C THR B 31 -3.33 -8.78 8.58
N TYR B 32 -4.16 -8.14 7.76
CA TYR B 32 -3.91 -6.81 7.25
C TYR B 32 -4.92 -5.82 7.83
N LEU B 33 -5.17 -5.92 9.13
CA LEU B 33 -6.17 -5.11 9.78
C LEU B 33 -5.56 -4.38 10.97
N ALA B 34 -6.06 -3.18 11.24
CA ALA B 34 -5.59 -2.33 12.32
C ALA B 34 -6.75 -1.89 13.20
N TRP B 35 -6.47 -1.69 14.49
CA TRP B 35 -7.45 -1.22 15.46
C TRP B 35 -7.06 0.15 15.98
N TYR B 36 -7.97 1.11 15.87
CA TYR B 36 -7.80 2.44 16.43
C TYR B 36 -8.83 2.69 17.52
N GLN B 37 -8.48 3.56 18.46
CA GLN B 37 -9.39 4.01 19.51
C GLN B 37 -9.59 5.51 19.41
N GLN B 38 -10.84 5.94 19.34
CA GLN B 38 -11.18 7.35 19.37
C GLN B 38 -11.86 7.67 20.70
N LYS B 39 -11.17 8.42 21.56
CA LYS B 39 -11.84 9.04 22.69
C LYS B 39 -12.73 10.18 22.17
N PRO B 40 -13.82 10.49 22.89
CA PRO B 40 -14.76 11.50 22.37
C PRO B 40 -14.14 12.90 22.33
N GLY B 41 -14.40 13.59 21.23
CA GLY B 41 -13.82 14.90 20.99
C GLY B 41 -12.31 14.90 20.85
N GLN B 42 -11.75 13.82 20.29
CA GLN B 42 -10.30 13.68 20.15
C GLN B 42 -10.00 12.87 18.89
N ALA B 43 -8.78 13.01 18.40
CA ALA B 43 -8.33 12.31 17.22
C ALA B 43 -8.17 10.81 17.51
N PRO B 44 -8.35 9.95 16.51
CA PRO B 44 -8.11 8.52 16.70
C PRO B 44 -6.66 8.21 17.05
N ARG B 45 -6.48 7.18 17.86
CA ARG B 45 -5.17 6.75 18.31
C ARG B 45 -4.94 5.30 17.89
N LEU B 46 -3.82 5.04 17.23
CA LEU B 46 -3.51 3.70 16.77
C LEU B 46 -3.16 2.81 17.96
N LEU B 47 -3.78 1.63 18.01
CA LEU B 47 -3.51 0.62 19.03
C LEU B 47 -2.83 -0.64 18.51
N ILE B 48 -3.42 -1.28 17.50
CA ILE B 48 -2.96 -2.57 16.99
C ILE B 48 -2.76 -2.41 15.49
N PHE B 49 -1.67 -2.96 14.97
CA PHE B 49 -1.47 -3.07 13.53
C PHE B 49 -1.05 -4.50 13.21
N GLY B 50 -1.30 -4.92 11.97
CA GLY B 50 -1.03 -6.28 11.57
C GLY B 50 -1.88 -7.34 12.25
N ALA B 51 -2.95 -6.92 12.94
CA ALA B 51 -3.98 -7.71 13.63
C ALA B 51 -3.49 -8.37 14.91
N SER B 52 -2.17 -8.34 15.17
CA SER B 52 -1.66 -8.91 16.41
C SER B 52 -0.51 -8.13 17.03
N SER B 53 -0.09 -7.01 16.46
CA SER B 53 1.09 -6.29 16.93
C SER B 53 0.69 -4.96 17.54
N ARG B 54 1.15 -4.71 18.76
CA ARG B 54 0.95 -3.44 19.43
C ARG B 54 1.85 -2.37 18.82
N ALA B 55 1.44 -1.11 18.98
CA ALA B 55 2.29 0.01 18.60
C ALA B 55 2.91 0.62 19.87
N SER B 56 3.61 1.74 19.68
CA SER B 56 4.34 2.38 20.78
C SER B 56 3.39 3.08 21.75
N GLY B 57 3.55 2.77 23.04
CA GLY B 57 2.91 3.50 24.11
C GLY B 57 1.63 2.92 24.63
N ILE B 58 0.97 2.06 23.86
CA ILE B 58 -0.27 1.43 24.29
C ILE B 58 0.06 0.31 25.27
N PRO B 59 -0.57 0.27 26.44
CA PRO B 59 -0.18 -0.71 27.47
C PRO B 59 -0.49 -2.15 27.07
N ASP B 60 -0.01 -3.05 27.93
CA ASP B 60 -0.18 -4.49 27.74
C ASP B 60 -1.65 -4.93 27.81
N ARG B 61 -2.55 -4.11 28.38
CA ARG B 61 -3.95 -4.51 28.49
C ARG B 61 -4.64 -4.67 27.14
N PHE B 62 -4.10 -4.10 26.08
CA PHE B 62 -4.69 -4.22 24.75
C PHE B 62 -4.03 -5.36 23.99
N SER B 63 -4.85 -6.24 23.43
CA SER B 63 -4.38 -7.38 22.66
C SER B 63 -5.35 -7.62 21.52
N GLY B 64 -4.85 -8.24 20.47
CA GLY B 64 -5.68 -8.54 19.31
C GLY B 64 -5.18 -9.75 18.59
N GLY B 65 -6.11 -10.50 18.01
CA GLY B 65 -5.77 -11.70 17.28
C GLY B 65 -6.83 -12.12 16.29
N GLY B 66 -6.43 -12.37 15.05
CA GLY B 66 -7.35 -12.85 14.05
C GLY B 66 -6.64 -13.00 12.72
N SER B 67 -7.29 -13.74 11.83
CA SER B 67 -6.79 -13.94 10.48
C SER B 67 -7.95 -14.34 9.59
N GLY B 68 -7.78 -14.07 8.30
CA GLY B 68 -8.83 -14.36 7.34
C GLY B 68 -9.93 -13.32 7.35
N THR B 69 -11.08 -13.66 7.91
CA THR B 69 -12.22 -12.75 7.94
C THR B 69 -12.60 -12.29 9.34
N ASP B 70 -12.35 -13.09 10.36
CA ASP B 70 -12.75 -12.75 11.73
C ASP B 70 -11.53 -12.26 12.51
N PHE B 71 -11.66 -11.07 13.10
CA PHE B 71 -10.60 -10.48 13.91
C PHE B 71 -11.20 -10.03 15.24
N THR B 72 -10.39 -10.12 16.29
CA THR B 72 -10.86 -9.83 17.63
C THR B 72 -9.91 -8.84 18.30
N LEU B 73 -10.46 -7.95 19.12
CA LEU B 73 -9.69 -7.08 19.99
C LEU B 73 -10.22 -7.24 21.41
N THR B 74 -9.34 -7.60 22.34
CA THR B 74 -9.71 -7.84 23.73
C THR B 74 -8.91 -6.93 24.64
N ILE B 75 -9.52 -6.58 25.78
CA ILE B 75 -8.90 -5.76 26.80
C ILE B 75 -8.86 -6.58 28.09
N SER B 76 -7.67 -6.69 28.69
CA SER B 76 -7.46 -7.52 29.87
C SER B 76 -8.26 -7.03 31.07
N ARG B 77 -7.93 -5.84 31.56
CA ARG B 77 -8.69 -5.17 32.60
C ARG B 77 -9.21 -3.87 32.02
N LEU B 78 -10.52 -3.66 32.11
CA LEU B 78 -11.15 -2.48 31.53
C LEU B 78 -11.00 -1.27 32.47
N GLU B 79 -9.87 -0.59 32.38
CA GLU B 79 -9.68 0.65 33.12
C GLU B 79 -10.55 1.76 32.54
N PRO B 80 -10.99 2.72 33.39
CA PRO B 80 -11.89 3.81 32.96
C PRO B 80 -11.47 4.63 31.74
N GLU B 81 -10.18 4.66 31.43
CA GLU B 81 -9.70 5.39 30.26
C GLU B 81 -10.03 4.69 28.95
N ASP B 82 -10.31 3.38 28.99
CA ASP B 82 -10.55 2.61 27.78
C ASP B 82 -12.00 2.69 27.28
N PHE B 83 -12.88 3.39 27.98
CA PHE B 83 -14.27 3.54 27.56
C PHE B 83 -14.36 4.61 26.49
N ALA B 84 -14.30 4.18 25.23
CA ALA B 84 -14.28 5.06 24.08
C ALA B 84 -14.81 4.28 22.88
N VAL B 85 -14.61 4.82 21.69
CA VAL B 85 -15.07 4.19 20.46
C VAL B 85 -13.86 3.54 19.80
N TYR B 86 -14.06 2.35 19.20
CA TYR B 86 -12.97 1.61 18.57
C TYR B 86 -13.34 1.30 17.13
N TYR B 87 -12.36 1.44 16.24
CA TYR B 87 -12.56 1.26 14.81
C TYR B 87 -11.60 0.19 14.29
N CYS B 88 -12.08 -0.64 13.37
CA CYS B 88 -11.23 -1.59 12.68
C CYS B 88 -11.07 -1.14 11.23
N GLN B 89 -9.82 -1.01 10.80
CA GLN B 89 -9.45 -0.60 9.46
C GLN B 89 -8.68 -1.71 8.77
N GLN B 90 -8.85 -1.81 7.45
CA GLN B 90 -8.17 -2.79 6.62
C GLN B 90 -7.24 -2.10 5.64
N TYR B 91 -6.16 -2.79 5.29
CA TYR B 91 -5.23 -2.33 4.26
C TYR B 91 -4.94 -3.38 3.19
N GLY B 92 -5.67 -4.50 3.19
CA GLY B 92 -5.43 -5.54 2.20
C GLY B 92 -5.68 -5.09 0.76
N SER B 93 -6.71 -4.29 0.55
CA SER B 93 -7.06 -3.81 -0.78
C SER B 93 -7.19 -2.30 -0.75
N SER B 94 -7.42 -1.72 -1.92
CA SER B 94 -7.63 -0.30 -2.02
C SER B 94 -9.12 -0.03 -2.24
N PRO B 95 -9.71 0.91 -1.49
CA PRO B 95 -9.05 1.80 -0.53
C PRO B 95 -9.04 1.24 0.88
N ARG B 96 -8.56 2.05 1.83
CA ARG B 96 -8.52 1.60 3.24
C ARG B 96 -9.90 1.87 3.86
N THR B 97 -10.74 0.84 3.95
CA THR B 97 -12.09 0.97 4.47
C THR B 97 -12.07 0.83 6.00
N PHE B 98 -12.93 1.58 6.67
CA PHE B 98 -13.08 1.52 8.11
C PHE B 98 -14.42 0.88 8.46
N GLY B 99 -14.55 0.47 9.72
CA GLY B 99 -15.80 -0.06 10.21
C GLY B 99 -16.74 1.05 10.67
N GLN B 100 -17.94 0.64 11.07
CA GLN B 100 -18.89 1.60 11.62
C GLN B 100 -18.47 2.11 13.00
N GLY B 101 -17.66 1.34 13.73
CA GLY B 101 -17.26 1.76 15.06
C GLY B 101 -18.06 1.08 16.16
N THR B 102 -17.40 0.72 17.25
CA THR B 102 -18.04 0.11 18.41
C THR B 102 -17.73 0.97 19.63
N LYS B 103 -18.77 1.32 20.37
CA LYS B 103 -18.66 2.24 21.49
C LYS B 103 -18.83 1.47 22.78
N VAL B 104 -17.92 1.66 23.73
CA VAL B 104 -17.90 0.93 24.99
C VAL B 104 -18.42 1.85 26.10
N GLU B 105 -19.37 1.34 26.89
CA GLU B 105 -20.08 2.11 27.89
C GLU B 105 -19.87 1.46 29.27
N ILE B 106 -20.34 2.15 30.32
CA ILE B 106 -20.28 1.66 31.68
C ILE B 106 -21.68 1.21 32.12
N ASN C 1 18.22 -24.09 -33.35
CA ASN C 1 18.78 -23.34 -32.23
C ASN C 1 17.65 -22.89 -31.32
N LEU C 2 17.87 -22.98 -30.02
CA LEU C 2 16.83 -22.82 -29.03
C LEU C 2 17.21 -21.66 -28.11
N CYS C 3 16.27 -20.76 -27.87
CA CYS C 3 16.58 -19.68 -26.94
C CYS C 3 16.29 -20.12 -25.51
N PRO C 4 17.14 -19.76 -24.53
CA PRO C 4 17.00 -20.33 -23.19
C PRO C 4 15.81 -19.82 -22.39
N PHE C 5 14.61 -19.90 -22.95
CA PHE C 5 13.40 -19.54 -22.24
C PHE C 5 13.03 -20.56 -21.16
N ASP C 6 13.54 -21.80 -21.29
CA ASP C 6 13.23 -22.84 -20.31
C ASP C 6 13.76 -22.49 -18.94
N GLU C 7 14.98 -21.93 -18.88
CA GLU C 7 15.54 -21.50 -17.60
C GLU C 7 14.77 -20.32 -17.04
N VAL C 8 14.32 -19.41 -17.91
CA VAL C 8 13.63 -18.21 -17.46
C VAL C 8 12.28 -18.55 -16.85
N PHE C 9 11.41 -19.20 -17.62
CA PHE C 9 10.05 -19.44 -17.13
C PHE C 9 10.00 -20.55 -16.08
N ASN C 10 10.73 -21.64 -16.29
CA ASN C 10 10.65 -22.78 -15.37
C ASN C 10 11.76 -22.76 -14.32
N ALA C 11 12.15 -21.57 -13.86
CA ALA C 11 13.11 -21.45 -12.78
C ALA C 11 12.50 -21.92 -11.47
N THR C 12 13.29 -22.64 -10.68
CA THR C 12 12.80 -23.18 -9.39
C THR C 12 12.65 -22.04 -8.38
N ARG C 13 13.72 -21.26 -8.21
CA ARG C 13 13.70 -20.15 -7.22
C ARG C 13 13.77 -18.81 -7.95
N PHE C 14 12.72 -18.00 -7.85
CA PHE C 14 12.77 -16.65 -8.47
C PHE C 14 13.28 -15.65 -7.42
N ALA C 15 13.56 -14.42 -7.84
CA ALA C 15 14.09 -13.40 -6.95
C ALA C 15 13.01 -12.39 -6.59
N SER C 16 13.28 -11.64 -5.53
CA SER C 16 12.39 -10.59 -5.05
C SER C 16 12.35 -9.43 -6.03
N VAL C 17 11.23 -8.69 -6.00
CA VAL C 17 11.01 -7.61 -6.96
C VAL C 17 11.99 -6.46 -6.75
N TYR C 18 12.50 -6.26 -5.53
CA TYR C 18 13.44 -5.15 -5.30
C TYR C 18 14.79 -5.42 -5.96
N ALA C 19 15.18 -6.68 -6.07
CA ALA C 19 16.38 -7.10 -6.80
C ALA C 19 15.92 -8.10 -7.85
N TRP C 20 15.42 -7.58 -8.97
CA TRP C 20 14.86 -8.40 -10.02
C TRP C 20 15.95 -8.95 -10.94
N ASN C 21 15.72 -10.15 -11.44
CA ASN C 21 16.73 -10.91 -12.17
C ASN C 21 16.60 -10.67 -13.66
N ARG C 22 17.64 -10.08 -14.25
CA ARG C 22 17.68 -9.75 -15.66
C ARG C 22 18.52 -10.79 -16.39
N LYS C 23 17.99 -11.32 -17.49
CA LYS C 23 18.75 -12.24 -18.32
C LYS C 23 18.76 -11.71 -19.74
N ARG C 24 19.93 -11.65 -20.34
CA ARG C 24 20.10 -11.23 -21.72
C ARG C 24 20.01 -12.44 -22.63
N ILE C 25 19.35 -12.28 -23.77
CA ILE C 25 19.15 -13.36 -24.73
C ILE C 25 19.56 -12.83 -26.10
N SER C 26 20.50 -13.53 -26.75
CA SER C 26 20.89 -13.22 -28.11
C SER C 26 21.52 -14.46 -28.71
N ASN C 27 21.64 -14.45 -30.04
CA ASN C 27 22.22 -15.53 -30.85
C ASN C 27 21.53 -16.87 -30.59
N CYS C 28 20.21 -16.86 -30.81
CA CYS C 28 19.39 -18.07 -30.87
C CYS C 28 18.06 -17.72 -31.53
N VAL C 29 17.48 -18.73 -32.19
CA VAL C 29 16.12 -18.62 -32.71
C VAL C 29 15.15 -18.56 -31.54
N ALA C 30 14.34 -17.52 -31.49
CA ALA C 30 13.37 -17.32 -30.41
C ALA C 30 12.00 -17.83 -30.87
N ASP C 31 11.56 -18.93 -30.29
CA ASP C 31 10.30 -19.57 -30.65
C ASP C 31 9.39 -19.54 -29.43
N TYR C 32 8.24 -18.89 -29.56
CA TYR C 32 7.30 -18.70 -28.46
C TYR C 32 6.19 -19.73 -28.47
N SER C 33 6.36 -20.81 -29.24
CA SER C 33 5.50 -21.99 -29.12
C SER C 33 5.59 -22.64 -27.76
N VAL C 34 6.70 -22.42 -27.03
CA VAL C 34 6.87 -22.97 -25.69
C VAL C 34 5.82 -22.40 -24.75
N LEU C 35 5.49 -21.12 -24.90
CA LEU C 35 4.49 -20.47 -24.06
C LEU C 35 3.09 -20.92 -24.45
N TYR C 36 2.76 -22.18 -24.14
CA TYR C 36 1.53 -22.81 -24.57
C TYR C 36 0.75 -23.29 -23.36
N PRO C 40 -0.77 -23.23 -18.23
CA PRO C 40 -1.92 -23.29 -17.32
C PRO C 40 -2.80 -22.05 -17.47
N PHE C 41 -3.20 -21.48 -16.34
CA PHE C 41 -3.96 -20.23 -16.32
C PHE C 41 -2.98 -19.09 -16.07
N PHE C 42 -2.73 -18.29 -17.11
CA PHE C 42 -1.74 -17.23 -17.02
C PHE C 42 -2.25 -15.99 -17.74
N THR C 43 -1.58 -14.87 -17.51
CA THR C 43 -1.90 -13.59 -18.14
C THR C 43 -0.82 -13.26 -19.16
N PHE C 44 -1.24 -12.89 -20.37
CA PHE C 44 -0.33 -12.58 -21.47
C PHE C 44 -0.71 -11.22 -22.06
N LYS C 45 0.03 -10.17 -21.69
CA LYS C 45 -0.22 -8.84 -22.20
C LYS C 45 1.00 -8.35 -22.97
N CYS C 46 0.81 -7.99 -24.23
CA CYS C 46 1.88 -7.54 -25.11
C CYS C 46 1.63 -6.09 -25.46
N TYR C 47 2.63 -5.25 -25.27
CA TYR C 47 2.53 -3.82 -25.48
C TYR C 47 3.38 -3.42 -26.67
N GLY C 48 2.75 -2.84 -27.69
CA GLY C 48 3.46 -2.32 -28.83
C GLY C 48 3.79 -3.33 -29.90
N VAL C 49 3.52 -4.62 -29.66
CA VAL C 49 3.77 -5.68 -30.62
C VAL C 49 2.51 -6.53 -30.73
N SER C 50 2.40 -7.20 -31.88
CA SER C 50 1.30 -8.12 -32.14
C SER C 50 1.64 -9.49 -31.57
N PRO C 51 0.98 -9.94 -30.49
CA PRO C 51 1.33 -11.24 -29.89
C PRO C 51 1.12 -12.43 -30.81
N THR C 52 0.24 -12.31 -31.82
CA THR C 52 -0.06 -13.42 -32.72
C THR C 52 1.11 -13.80 -33.62
N LYS C 53 2.15 -12.97 -33.72
CA LYS C 53 3.26 -13.26 -34.62
C LYS C 53 4.61 -12.91 -34.00
N LEU C 54 4.73 -13.06 -32.67
CA LEU C 54 6.03 -12.93 -32.02
C LEU C 54 7.04 -13.94 -32.55
N ASN C 55 6.57 -15.11 -32.95
CA ASN C 55 7.44 -16.13 -33.54
C ASN C 55 8.05 -15.62 -34.83
N ASP C 56 7.28 -14.97 -35.67
CA ASP C 56 7.80 -14.40 -36.91
C ASP C 56 8.07 -12.90 -36.74
N LEU C 57 9.01 -12.58 -35.85
CA LEU C 57 9.45 -11.20 -35.64
C LEU C 57 10.89 -11.21 -35.17
N CYS C 58 11.77 -10.49 -35.87
CA CYS C 58 13.21 -10.67 -35.73
C CYS C 58 13.87 -9.37 -35.30
N PHE C 59 14.30 -9.32 -34.04
CA PHE C 59 14.92 -8.18 -33.38
C PHE C 59 16.29 -8.56 -32.81
N THR C 60 16.93 -7.61 -32.12
CA THR C 60 18.35 -7.74 -31.76
C THR C 60 18.53 -8.45 -30.42
N ASN C 61 17.96 -7.89 -29.34
CA ASN C 61 18.14 -8.43 -28.01
C ASN C 61 16.79 -8.72 -27.36
N VAL C 62 16.78 -9.69 -26.47
CA VAL C 62 15.66 -9.96 -25.59
C VAL C 62 16.15 -9.81 -24.17
N TYR C 63 15.43 -9.06 -23.36
CA TYR C 63 15.71 -8.93 -21.94
C TYR C 63 14.57 -9.54 -21.15
N ALA C 64 14.85 -10.63 -20.46
CA ALA C 64 13.85 -11.31 -19.64
C ALA C 64 14.08 -10.91 -18.19
N ASP C 65 13.12 -10.20 -17.62
CA ASP C 65 13.20 -9.74 -16.24
C ASP C 65 12.15 -10.49 -15.44
N SER C 66 12.60 -11.21 -14.41
CA SER C 66 11.72 -12.05 -13.61
C SER C 66 11.66 -11.57 -12.16
N PHE C 67 10.45 -11.51 -11.61
CA PHE C 67 10.22 -11.10 -10.23
C PHE C 67 8.89 -11.65 -9.75
N VAL C 68 8.75 -11.79 -8.43
CA VAL C 68 7.54 -12.30 -7.79
C VAL C 68 6.86 -11.15 -7.07
N ILE C 69 5.56 -10.98 -7.31
CA ILE C 69 4.72 -9.95 -6.69
C ILE C 69 3.37 -10.57 -6.33
N ARG C 70 2.57 -9.80 -5.58
CA ARG C 70 1.21 -10.19 -5.26
C ARG C 70 0.30 -10.05 -6.47
N GLY C 71 -0.85 -10.72 -6.39
CA GLY C 71 -1.83 -10.65 -7.47
C GLY C 71 -2.42 -9.27 -7.68
N ASP C 72 -2.58 -8.49 -6.61
CA ASP C 72 -3.11 -7.14 -6.72
C ASP C 72 -2.13 -6.18 -7.40
N GLU C 73 -0.85 -6.54 -7.48
CA GLU C 73 0.18 -5.68 -8.04
C GLU C 73 0.56 -6.06 -9.46
N VAL C 74 -0.10 -7.05 -10.06
CA VAL C 74 0.19 -7.46 -11.43
C VAL C 74 -0.20 -6.36 -12.41
N ARG C 75 -1.29 -5.63 -12.15
CA ARG C 75 -1.70 -4.55 -13.03
C ARG C 75 -0.72 -3.39 -13.03
N GLN C 76 0.14 -3.27 -12.00
CA GLN C 76 1.11 -2.20 -11.95
C GLN C 76 2.25 -2.41 -12.93
N ILE C 77 2.44 -3.64 -13.40
CA ILE C 77 3.52 -3.95 -14.37
C ILE C 77 2.91 -3.68 -15.74
N ALA C 78 2.93 -2.40 -16.12
CA ALA C 78 2.36 -1.87 -17.35
C ALA C 78 2.86 -0.45 -17.52
N PRO C 79 2.94 0.07 -18.76
CA PRO C 79 3.39 1.47 -18.95
C PRO C 79 2.44 2.48 -18.30
N GLY C 80 3.03 3.53 -17.74
CA GLY C 80 2.27 4.62 -17.14
C GLY C 80 1.43 4.23 -15.96
N GLN C 81 1.88 3.28 -15.16
CA GLN C 81 1.18 2.86 -13.96
C GLN C 81 1.93 3.35 -12.73
N THR C 82 1.18 3.74 -11.71
CA THR C 82 1.74 4.26 -10.47
C THR C 82 1.30 3.39 -9.31
N GLY C 83 2.23 3.12 -8.40
CA GLY C 83 1.99 2.28 -7.25
C GLY C 83 3.31 1.96 -6.61
N ASN C 84 3.24 1.23 -5.48
CA ASN C 84 4.45 0.89 -4.71
C ASN C 84 5.45 0.10 -5.53
N ILE C 85 4.99 -0.94 -6.22
CA ILE C 85 5.85 -1.76 -7.08
C ILE C 85 6.38 -0.93 -8.24
N ALA C 86 5.50 -0.18 -8.89
CA ALA C 86 5.89 0.64 -10.04
C ALA C 86 6.86 1.75 -9.64
N ASP C 87 6.62 2.40 -8.50
CA ASP C 87 7.42 3.57 -8.16
C ASP C 87 8.76 3.17 -7.54
N TYR C 88 8.77 2.22 -6.62
CA TYR C 88 9.96 1.96 -5.83
C TYR C 88 10.60 0.60 -6.09
N ASN C 89 9.99 -0.25 -6.90
CA ASN C 89 10.55 -1.57 -7.14
C ASN C 89 10.90 -1.83 -8.60
N TYR C 90 9.98 -1.59 -9.53
CA TYR C 90 10.21 -1.94 -10.93
C TYR C 90 9.29 -1.12 -11.80
N LYS C 91 9.86 -0.28 -12.68
CA LYS C 91 9.08 0.61 -13.53
C LYS C 91 9.34 0.32 -15.00
N LEU C 92 8.25 0.18 -15.76
CA LEU C 92 8.25 0.13 -17.22
C LEU C 92 8.22 1.56 -17.79
N PRO C 93 8.88 1.79 -18.92
CA PRO C 93 8.85 3.11 -19.55
C PRO C 93 7.53 3.34 -20.27
N ASP C 94 7.31 4.60 -20.65
CA ASP C 94 6.10 4.97 -21.38
C ASP C 94 6.05 4.32 -22.75
N ASP C 95 7.16 4.35 -23.49
CA ASP C 95 7.24 3.70 -24.79
C ASP C 95 7.96 2.36 -24.60
N PHE C 96 7.19 1.36 -24.19
CA PHE C 96 7.69 0.04 -23.87
C PHE C 96 7.27 -0.94 -24.95
N THR C 97 8.24 -1.47 -25.69
CA THR C 97 7.99 -2.46 -26.73
C THR C 97 8.32 -3.84 -26.19
N GLY C 98 7.31 -4.51 -25.65
CA GLY C 98 7.54 -5.83 -25.08
C GLY C 98 6.26 -6.43 -24.54
N CYS C 99 6.42 -7.53 -23.80
CA CYS C 99 5.28 -8.26 -23.27
C CYS C 99 5.52 -8.62 -21.81
N VAL C 100 4.41 -8.82 -21.08
CA VAL C 100 4.40 -9.18 -19.67
C VAL C 100 3.65 -10.50 -19.52
N ILE C 101 4.28 -11.46 -18.85
CA ILE C 101 3.70 -12.79 -18.62
C ILE C 101 3.69 -13.04 -17.12
N ALA C 102 2.50 -13.15 -16.53
CA ALA C 102 2.36 -13.43 -15.12
C ALA C 102 1.44 -14.62 -14.89
N TRP C 103 1.85 -15.51 -13.98
CA TRP C 103 1.08 -16.71 -13.66
C TRP C 103 1.10 -16.95 -12.16
N ASN C 104 -0.04 -17.38 -11.62
CA ASN C 104 -0.16 -17.71 -10.21
C ASN C 104 0.77 -18.85 -9.84
N SER C 105 1.46 -18.71 -8.72
CA SER C 105 2.42 -19.70 -8.24
C SER C 105 2.19 -20.03 -6.77
N ASN C 106 0.94 -20.29 -6.41
CA ASN C 106 0.63 -20.66 -5.02
C ASN C 106 1.22 -22.02 -4.65
N LYS C 107 1.43 -22.90 -5.63
CA LYS C 107 1.96 -24.22 -5.35
C LYS C 107 3.44 -24.18 -4.98
N LEU C 108 4.19 -23.22 -5.52
CA LEU C 108 5.64 -23.18 -5.37
C LEU C 108 6.12 -22.16 -4.35
N ASP C 109 5.53 -20.96 -4.34
CA ASP C 109 6.07 -19.86 -3.57
C ASP C 109 5.25 -19.58 -2.30
N SER C 110 4.59 -20.59 -1.76
CA SER C 110 3.85 -20.45 -0.53
C SER C 110 4.04 -21.68 0.35
N LYS C 111 4.07 -21.46 1.65
CA LYS C 111 4.17 -22.53 2.64
C LYS C 111 3.29 -22.18 3.82
N VAL C 112 2.94 -23.21 4.59
CA VAL C 112 1.99 -23.07 5.70
C VAL C 112 2.56 -22.15 6.78
N SER C 113 3.87 -22.21 7.03
CA SER C 113 4.48 -21.33 8.02
C SER C 113 4.53 -19.89 7.53
N GLY C 114 4.45 -19.66 6.24
CA GLY C 114 4.60 -18.35 5.63
C GLY C 114 5.94 -18.24 4.95
N ASN C 115 5.95 -17.65 3.76
CA ASN C 115 7.16 -17.45 2.99
C ASN C 115 7.64 -16.02 3.19
N TYR C 116 8.85 -15.86 3.73
CA TYR C 116 9.43 -14.54 3.93
C TYR C 116 10.74 -14.37 3.15
N ASN C 117 10.98 -15.22 2.16
CA ASN C 117 12.15 -15.05 1.31
C ASN C 117 11.98 -13.93 0.31
N TYR C 118 10.76 -13.51 0.02
CA TYR C 118 10.47 -12.45 -0.93
C TYR C 118 10.29 -11.14 -0.19
N LEU C 119 10.90 -10.08 -0.71
CA LEU C 119 10.83 -8.77 -0.09
C LEU C 119 10.56 -7.71 -1.16
N TYR C 120 9.99 -6.58 -0.72
CA TYR C 120 9.74 -5.47 -1.62
C TYR C 120 10.16 -4.18 -0.93
N ARG C 121 10.63 -3.21 -1.71
CA ARG C 121 11.03 -1.92 -1.18
C ARG C 121 9.80 -1.07 -0.90
N LEU C 122 9.59 -0.71 0.36
CA LEU C 122 8.46 0.13 0.73
C LEU C 122 8.84 1.59 0.82
N PHE C 123 9.95 1.91 1.48
CA PHE C 123 10.37 3.29 1.70
C PHE C 123 11.47 3.65 0.72
N ARG C 124 11.23 4.67 -0.10
CA ARG C 124 12.21 5.18 -1.05
C ARG C 124 11.96 6.66 -1.26
N LYS C 125 13.03 7.48 -1.23
CA LYS C 125 12.87 8.93 -1.31
C LYS C 125 12.38 9.37 -2.68
N SER C 126 13.05 8.92 -3.74
CA SER C 126 12.71 9.34 -5.08
C SER C 126 12.02 8.20 -5.82
N ASN C 127 11.52 8.51 -7.02
CA ASN C 127 10.95 7.48 -7.86
C ASN C 127 12.08 6.73 -8.57
N LEU C 128 11.70 5.70 -9.32
CA LEU C 128 12.66 4.86 -10.03
C LEU C 128 12.55 5.13 -11.52
N LYS C 129 13.69 5.32 -12.17
CA LYS C 129 13.73 5.42 -13.62
C LYS C 129 13.44 4.05 -14.22
N PRO C 130 13.00 3.99 -15.49
CA PRO C 130 12.70 2.68 -16.10
C PRO C 130 13.92 1.76 -16.16
N PHE C 131 13.68 0.50 -15.81
CA PHE C 131 14.69 -0.57 -15.69
C PHE C 131 15.86 -0.16 -14.81
N GLU C 132 15.55 0.44 -13.67
CA GLU C 132 16.54 0.77 -12.66
C GLU C 132 16.42 -0.22 -11.51
N ARG C 133 17.56 -0.72 -11.04
CA ARG C 133 17.61 -1.72 -9.98
C ARG C 133 18.18 -1.09 -8.72
N ASP C 134 17.41 -1.14 -7.63
CA ASP C 134 17.81 -0.58 -6.35
C ASP C 134 18.09 -1.74 -5.40
N ILE C 135 19.36 -1.92 -5.06
CA ILE C 135 19.80 -3.06 -4.25
C ILE C 135 20.13 -2.65 -2.83
N SER C 136 20.47 -1.37 -2.60
CA SER C 136 20.91 -0.87 -1.29
C SER C 136 19.85 -1.05 -0.21
N THR C 137 20.31 -1.35 1.01
CA THR C 137 19.44 -1.62 2.15
C THR C 137 19.70 -0.65 3.29
N GLU C 138 20.04 0.59 2.98
CA GLU C 138 20.32 1.57 4.01
C GLU C 138 19.02 2.02 4.67
N ILE C 139 19.11 2.35 5.96
CA ILE C 139 17.92 2.71 6.74
C ILE C 139 17.37 4.03 6.23
N TYR C 140 16.05 4.10 6.11
CA TYR C 140 15.36 5.28 5.59
C TYR C 140 15.19 6.33 6.69
N GLN C 141 15.40 7.59 6.34
CA GLN C 141 15.25 8.69 7.30
C GLN C 141 13.89 9.37 7.12
N ALA C 142 12.96 9.07 8.02
CA ALA C 142 11.63 9.65 7.98
C ALA C 142 11.47 10.84 8.93
N GLY C 143 12.56 11.36 9.48
CA GLY C 143 12.51 12.50 10.37
C GLY C 143 13.86 13.17 10.43
N ASN C 144 13.92 14.29 11.18
CA ASN C 144 15.16 15.06 11.24
C ASN C 144 16.26 14.34 12.02
N LYS C 145 15.90 13.41 12.90
CA LYS C 145 16.88 12.70 13.70
C LYS C 145 17.63 11.66 12.87
N PRO C 146 18.94 11.51 13.06
CA PRO C 146 19.70 10.53 12.28
C PRO C 146 19.31 9.09 12.62
N CYS C 147 19.32 8.24 11.60
CA CYS C 147 19.15 6.81 11.84
C CYS C 147 20.40 6.13 12.38
N ASN C 148 21.59 6.67 12.11
CA ASN C 148 22.85 6.27 12.74
C ASN C 148 23.21 4.79 12.51
N GLY C 149 22.56 4.15 11.54
CA GLY C 149 22.58 2.70 11.42
C GLY C 149 21.66 1.95 12.35
N VAL C 150 20.81 2.63 13.12
CA VAL C 150 19.88 1.97 14.03
C VAL C 150 18.45 2.20 13.53
N ALA C 151 17.61 1.20 13.71
CA ALA C 151 16.23 1.24 13.19
C ALA C 151 15.28 1.48 14.36
N GLY C 152 15.02 2.76 14.65
CA GLY C 152 14.13 3.13 15.73
C GLY C 152 12.93 3.91 15.26
N PHE C 153 12.58 4.97 16.00
CA PHE C 153 11.50 5.84 15.58
C PHE C 153 11.95 6.69 14.41
N ASN C 154 11.13 6.73 13.36
CA ASN C 154 11.31 7.54 12.15
C ASN C 154 12.50 7.09 11.33
N CYS C 155 12.98 5.87 11.57
CA CYS C 155 14.10 5.30 10.82
C CYS C 155 13.81 3.80 10.66
N TYR C 156 13.29 3.42 9.50
CA TYR C 156 12.86 2.05 9.29
C TYR C 156 13.64 1.40 8.14
N PHE C 157 13.71 0.06 8.19
CA PHE C 157 14.35 -0.69 7.11
C PHE C 157 13.51 -0.55 5.85
N PRO C 158 14.12 -0.30 4.68
CA PRO C 158 13.33 -0.06 3.47
C PRO C 158 12.68 -1.29 2.87
N LEU C 159 13.09 -2.49 3.25
CA LEU C 159 12.60 -3.71 2.63
C LEU C 159 11.58 -4.39 3.54
N ARG C 160 10.37 -4.60 3.03
CA ARG C 160 9.32 -5.30 3.75
C ARG C 160 9.07 -6.66 3.12
N SER C 161 8.96 -7.68 3.96
CA SER C 161 8.74 -9.03 3.48
C SER C 161 7.28 -9.22 3.05
N TYR C 162 7.06 -10.19 2.19
CA TYR C 162 5.72 -10.58 1.81
C TYR C 162 5.26 -11.70 2.74
N SER C 163 3.95 -11.80 2.92
CA SER C 163 3.35 -12.87 3.72
C SER C 163 2.64 -13.80 2.74
N PHE C 164 3.24 -14.97 2.48
CA PHE C 164 2.71 -15.90 1.49
C PHE C 164 2.29 -17.18 2.20
N ARG C 165 0.99 -17.43 2.25
CA ARG C 165 0.42 -18.61 2.86
C ARG C 165 -0.55 -19.26 1.89
N PRO C 166 -0.71 -20.59 1.95
CA PRO C 166 -1.68 -21.25 1.05
C PRO C 166 -3.13 -20.84 1.30
N THR C 167 -3.49 -20.50 2.53
CA THR C 167 -4.87 -20.22 2.88
C THR C 167 -5.31 -18.82 2.50
N TYR C 168 -4.40 -17.97 2.01
CA TYR C 168 -4.72 -16.60 1.66
C TYR C 168 -5.54 -16.55 0.38
N GLY C 169 -6.12 -15.39 0.11
CA GLY C 169 -6.95 -15.21 -1.06
C GLY C 169 -6.13 -15.16 -2.34
N VAL C 170 -6.83 -14.96 -3.45
CA VAL C 170 -6.17 -14.96 -4.76
C VAL C 170 -5.33 -13.70 -4.93
N GLY C 171 -5.84 -12.56 -4.45
CA GLY C 171 -5.13 -11.29 -4.60
C GLY C 171 -3.79 -11.27 -3.88
N HIS C 172 -3.71 -11.94 -2.73
CA HIS C 172 -2.51 -11.96 -1.91
C HIS C 172 -1.60 -13.14 -2.24
N GLN C 173 -1.99 -14.01 -3.16
CA GLN C 173 -1.18 -15.17 -3.52
C GLN C 173 0.04 -14.75 -4.34
N PRO C 174 1.12 -15.53 -4.31
CA PRO C 174 2.32 -15.17 -5.06
C PRO C 174 2.17 -15.41 -6.55
N TYR C 175 2.55 -14.40 -7.34
CA TYR C 175 2.47 -14.45 -8.80
C TYR C 175 3.86 -14.27 -9.38
N ARG C 176 4.26 -15.21 -10.23
CA ARG C 176 5.55 -15.16 -10.91
C ARG C 176 5.40 -14.37 -12.20
N VAL C 177 6.11 -13.25 -12.30
CA VAL C 177 5.98 -12.33 -13.42
C VAL C 177 7.28 -12.30 -14.21
N VAL C 178 7.19 -12.59 -15.51
CA VAL C 178 8.33 -12.49 -16.43
C VAL C 178 7.95 -11.45 -17.48
N VAL C 179 8.75 -10.40 -17.58
CA VAL C 179 8.53 -9.35 -18.58
C VAL C 179 9.66 -9.40 -19.60
N LEU C 180 9.28 -9.45 -20.88
CA LEU C 180 10.21 -9.53 -21.99
C LEU C 180 10.31 -8.16 -22.65
N SER C 181 11.52 -7.62 -22.73
CA SER C 181 11.77 -6.35 -23.39
C SER C 181 12.57 -6.59 -24.66
N PHE C 182 12.02 -6.19 -25.80
CA PHE C 182 12.62 -6.45 -27.09
C PHE C 182 13.31 -5.18 -27.58
N GLU C 183 14.59 -5.29 -27.91
CA GLU C 183 15.38 -4.16 -28.35
C GLU C 183 15.83 -4.40 -29.79
N LEU C 184 15.55 -3.44 -30.67
CA LEU C 184 16.02 -3.44 -32.05
C LEU C 184 17.17 -2.46 -32.18
N LEU C 185 18.32 -2.94 -32.67
CA LEU C 185 19.51 -2.10 -32.78
C LEU C 185 19.94 -1.94 -34.24
N HIS C 186 20.69 -0.86 -34.48
CA HIS C 186 21.29 -0.61 -35.79
C HIS C 186 22.31 -1.67 -36.15
N ALA C 187 22.94 -2.28 -35.16
CA ALA C 187 23.83 -3.41 -35.37
C ALA C 187 23.01 -4.60 -35.86
N PRO C 188 23.61 -5.51 -36.64
CA PRO C 188 22.86 -6.67 -37.16
C PRO C 188 22.26 -7.54 -36.07
N ALA C 189 20.93 -7.64 -36.10
CA ALA C 189 20.16 -8.38 -35.11
C ALA C 189 20.51 -9.86 -35.14
N THR C 190 20.38 -10.50 -33.99
CA THR C 190 20.66 -11.93 -33.95
C THR C 190 19.67 -12.67 -33.05
N VAL C 191 18.40 -12.27 -33.08
CA VAL C 191 17.30 -13.03 -32.46
C VAL C 191 16.20 -13.09 -33.50
N CYS C 192 16.08 -14.24 -34.18
CA CYS C 192 15.24 -14.35 -35.36
C CYS C 192 14.48 -15.66 -35.26
N GLY C 193 13.18 -15.58 -34.98
CA GLY C 193 12.32 -16.75 -34.92
C GLY C 193 12.22 -17.59 -36.17
#